data_5MKA
#
_entry.id   5MKA
#
_cell.length_a   54.620
_cell.length_b   82.602
_cell.length_c   84.847
_cell.angle_alpha   90.00
_cell.angle_beta   90.00
_cell.angle_gamma   90.00
#
_symmetry.space_group_name_H-M   'P 21 21 21'
#
loop_
_entity.id
_entity.type
_entity.pdbx_description
1 polymer MalE1
2 branched Cyclooctakis-(1-4)-(alpha-D-glucopyranose)
3 water water
#
_entity_poly.entity_id   1
_entity_poly.type   'polypeptide(L)'
_entity_poly.pdbx_seq_one_letter_code
;GSHMKNVSGSVKLWVDTTQVPYYKKIVANFNKKYPDVKVKVTQSPNGSANAKTDVGKDPAKAADVFEVANDQLGSMAEAG
YINPLSPDATKAVKNNNVAVASEGVTWKGKMFAYPFAEQAQTIYYNKSKLTADDVKTWDGLTAKGVLATDFTNAYNFYPV
FLSAGTQLYGKTGETVKGTDVNSAKGEQAMAWFAQQKSNKGVMQTSNALNQLKSGKAAAILDGPWNSANIKKILGKNFAV
APYPTIKLDGKDVQMQAFLGIETFAVNSHASGSNQKAAATLASFITNKESQLIVYDHSGQIPVDKTAQKSSKVASDPVAG
AVMTMAKPGNSTLMPKMPQMATFWNDAAPLINGAYTGSIPASQYSTKLDTFVKNISKAN
;
_entity_poly.pdbx_strand_id   A
#
loop_
_chem_comp.id
_chem_comp.type
_chem_comp.name
_chem_comp.formula
GLC D-saccharide, alpha linking alpha-D-glucopyranose 'C6 H12 O6'
#
# COMPACT_ATOMS: atom_id res chain seq x y z
N ASN A 6 31.82 0.20 -16.55
CA ASN A 6 31.98 -0.25 -15.17
C ASN A 6 31.17 0.66 -14.24
N VAL A 7 30.73 0.10 -13.11
CA VAL A 7 29.96 0.85 -12.13
C VAL A 7 30.73 0.81 -10.83
N SER A 8 30.90 1.99 -10.22
CA SER A 8 31.62 2.11 -8.97
C SER A 8 30.92 3.15 -8.12
N GLY A 9 31.21 3.11 -6.84
CA GLY A 9 30.69 4.11 -5.94
C GLY A 9 30.28 3.51 -4.63
N SER A 10 29.72 4.35 -3.77
CA SER A 10 29.22 3.96 -2.44
C SER A 10 27.77 4.39 -2.35
N VAL A 11 26.92 3.49 -1.85
CA VAL A 11 25.46 3.71 -1.83
C VAL A 11 24.95 3.26 -0.46
N LYS A 12 24.13 4.10 0.17
CA LYS A 12 23.35 3.73 1.35
C LYS A 12 21.94 3.37 0.90
N LEU A 13 21.48 2.21 1.36
CA LEU A 13 20.16 1.68 1.05
C LEU A 13 19.32 1.59 2.32
N TRP A 14 18.13 2.19 2.29
CA TRP A 14 17.14 2.10 3.36
C TRP A 14 16.02 1.14 2.98
N VAL A 15 15.72 0.20 3.87
CA VAL A 15 14.61 -0.72 3.72
C VAL A 15 13.85 -0.78 5.04
N ASP A 16 12.66 -1.34 4.99
CA ASP A 16 11.84 -1.47 6.18
C ASP A 16 12.48 -2.49 7.13
N THR A 17 12.23 -2.32 8.43
CA THR A 17 12.99 -3.03 9.49
C THR A 17 13.22 -4.54 9.27
N THR A 18 12.17 -5.29 9.14
CA THR A 18 12.36 -6.75 9.05
C THR A 18 12.82 -7.21 7.67
N GLN A 19 12.97 -6.30 6.73
CA GLN A 19 13.43 -6.65 5.40
C GLN A 19 14.94 -6.70 5.27
N VAL A 20 15.67 -6.14 6.23
CA VAL A 20 17.12 -6.04 6.10
C VAL A 20 17.78 -7.38 5.80
N PRO A 21 17.46 -8.46 6.49
CA PRO A 21 18.20 -9.71 6.23
C PRO A 21 18.14 -10.16 4.78
N TYR A 22 17.00 -10.08 4.13
CA TYR A 22 16.92 -10.54 2.74
C TYR A 22 17.38 -9.49 1.74
N TYR A 23 17.31 -8.20 2.07
CA TYR A 23 17.99 -7.25 1.20
C TYR A 23 19.50 -7.40 1.26
N LYS A 24 20.06 -7.89 2.37
N LYS A 24 20.05 -7.89 2.37
CA LYS A 24 21.48 -8.21 2.38
CA LYS A 24 21.48 -8.21 2.38
C LYS A 24 21.79 -9.33 1.40
C LYS A 24 21.79 -9.33 1.40
N LYS A 25 20.89 -10.31 1.29
CA LYS A 25 21.09 -11.39 0.32
C LYS A 25 20.99 -10.85 -1.11
N ILE A 26 20.01 -9.99 -1.37
CA ILE A 26 19.86 -9.36 -2.67
C ILE A 26 21.09 -8.54 -3.02
N VAL A 27 21.61 -7.76 -2.05
CA VAL A 27 22.81 -6.97 -2.28
C VAL A 27 24.02 -7.86 -2.54
N ALA A 28 24.11 -9.04 -1.90
CA ALA A 28 25.17 -9.97 -2.25
C ALA A 28 25.06 -10.39 -3.72
N ASN A 29 23.85 -10.63 -4.21
CA ASN A 29 23.66 -10.94 -5.63
C ASN A 29 24.08 -9.77 -6.51
N PHE A 30 23.67 -8.56 -6.14
CA PHE A 30 24.09 -7.34 -6.82
C PHE A 30 25.60 -7.26 -6.92
N ASN A 31 26.32 -7.53 -5.83
CA ASN A 31 27.77 -7.41 -5.82
C ASN A 31 28.47 -8.52 -6.61
N LYS A 32 27.79 -9.63 -6.93
CA LYS A 32 28.37 -10.57 -7.88
C LYS A 32 28.54 -9.92 -9.24
N LYS A 33 27.58 -9.12 -9.66
CA LYS A 33 27.59 -8.45 -10.94
C LYS A 33 28.35 -7.13 -10.90
N TYR A 34 28.29 -6.43 -9.76
CA TYR A 34 28.87 -5.09 -9.59
C TYR A 34 29.77 -5.13 -8.36
N PRO A 35 30.94 -5.75 -8.48
CA PRO A 35 31.78 -5.95 -7.30
C PRO A 35 32.33 -4.68 -6.70
N ASP A 36 32.36 -3.58 -7.45
CA ASP A 36 33.02 -2.35 -7.01
C ASP A 36 32.05 -1.32 -6.43
N VAL A 37 30.82 -1.69 -6.17
CA VAL A 37 29.87 -0.79 -5.52
C VAL A 37 29.77 -1.19 -4.06
N LYS A 38 30.09 -0.27 -3.16
CA LYS A 38 29.99 -0.52 -1.72
C LYS A 38 28.61 -0.11 -1.24
N VAL A 39 27.81 -1.07 -0.81
CA VAL A 39 26.44 -0.82 -0.35
C VAL A 39 26.38 -0.98 1.16
N LYS A 40 25.77 -0.01 1.82
CA LYS A 40 25.44 -0.15 3.25
C LYS A 40 23.93 -0.25 3.38
N VAL A 41 23.46 -1.39 3.87
CA VAL A 41 22.02 -1.66 4.02
C VAL A 41 21.67 -1.43 5.48
N THR A 42 20.71 -0.55 5.74
CA THR A 42 20.16 -0.40 7.10
C THR A 42 18.65 -0.29 6.99
N GLN A 43 18.00 -0.40 8.14
CA GLN A 43 16.60 0.00 8.20
C GLN A 43 16.52 1.51 8.03
N SER A 44 15.37 1.97 7.57
CA SER A 44 15.09 3.40 7.54
C SER A 44 14.69 3.90 8.93
N PRO A 45 14.78 5.22 9.14
CA PRO A 45 14.35 5.78 10.44
C PRO A 45 12.92 5.44 10.80
N ASN A 46 11.98 5.58 9.86
CA ASN A 46 10.57 5.42 10.18
C ASN A 46 9.76 4.62 9.16
N GLY A 47 10.41 3.91 8.26
CA GLY A 47 9.72 3.02 7.35
C GLY A 47 9.27 3.69 6.06
N SER A 48 8.98 2.83 5.08
CA SER A 48 8.54 3.26 3.75
C SER A 48 7.29 4.12 3.79
N ALA A 49 6.40 3.91 4.77
CA ALA A 49 5.20 4.74 4.87
C ALA A 49 5.50 6.17 5.29
N ASN A 50 6.75 6.44 5.69
CA ASN A 50 7.22 7.75 6.13
C ASN A 50 8.43 8.21 5.34
N ALA A 51 8.68 7.67 4.16
CA ALA A 51 9.90 8.01 3.43
C ALA A 51 9.96 9.50 3.11
N LYS A 52 8.85 10.09 2.74
CA LYS A 52 8.91 11.48 2.29
C LYS A 52 9.44 12.41 3.37
N THR A 53 9.10 12.14 4.63
CA THR A 53 9.62 12.97 5.72
C THR A 53 10.99 12.50 6.20
N ASP A 54 11.29 11.21 6.15
CA ASP A 54 12.63 10.76 6.48
C ASP A 54 13.66 11.37 5.54
N VAL A 55 13.33 11.46 4.26
CA VAL A 55 14.22 12.08 3.28
C VAL A 55 14.15 13.60 3.38
N GLY A 56 12.94 14.16 3.41
CA GLY A 56 12.77 15.60 3.35
C GLY A 56 13.39 16.34 4.49
N LYS A 57 13.47 15.72 5.66
CA LYS A 57 14.03 16.45 6.78
C LYS A 57 15.51 16.80 6.56
N ASP A 58 16.22 15.98 5.77
CA ASP A 58 17.62 16.26 5.44
C ASP A 58 18.06 15.41 4.25
N PRO A 59 17.84 15.88 3.04
CA PRO A 59 18.10 15.02 1.88
C PRO A 59 19.55 14.57 1.75
N ALA A 60 20.52 15.44 2.08
CA ALA A 60 21.92 15.05 1.92
C ALA A 60 22.35 13.99 2.94
N LYS A 61 21.60 13.84 4.02
CA LYS A 61 21.91 12.84 5.01
C LYS A 61 21.16 11.54 4.76
N ALA A 62 20.08 11.56 4.01
CA ALA A 62 19.25 10.39 3.80
C ALA A 62 19.96 9.39 2.90
N ALA A 63 19.42 8.18 2.87
CA ALA A 63 19.94 7.13 2.01
C ALA A 63 19.89 7.55 0.54
N ASP A 64 20.80 6.96 -0.26
CA ASP A 64 20.81 7.18 -1.70
C ASP A 64 19.71 6.45 -2.43
N VAL A 65 19.29 5.30 -1.90
CA VAL A 65 18.20 4.50 -2.44
C VAL A 65 17.31 4.17 -1.25
N PHE A 66 16.01 4.39 -1.38
CA PHE A 66 15.12 4.20 -0.23
C PHE A 66 13.77 3.65 -0.68
N GLU A 67 13.17 2.84 0.19
CA GLU A 67 11.88 2.27 -0.05
C GLU A 67 10.79 3.31 0.18
N VAL A 68 9.81 3.38 -0.72
CA VAL A 68 8.78 4.41 -0.64
C VAL A 68 7.52 3.93 -1.36
N ALA A 69 6.38 4.16 -0.74
CA ALA A 69 5.09 3.84 -1.33
C ALA A 69 4.72 4.86 -2.41
N ASN A 70 3.97 4.40 -3.42
CA ASN A 70 3.81 5.20 -4.62
C ASN A 70 3.05 6.51 -4.39
N ASP A 71 2.18 6.59 -3.38
CA ASP A 71 1.42 7.81 -3.17
C ASP A 71 2.29 9.02 -2.82
N GLN A 72 3.48 8.78 -2.28
CA GLN A 72 4.38 9.85 -1.88
C GLN A 72 5.13 10.47 -3.04
N LEU A 73 5.05 9.90 -4.23
CA LEU A 73 6.01 10.26 -5.28
C LEU A 73 5.76 11.63 -5.88
N GLY A 74 4.51 12.06 -6.03
CA GLY A 74 4.27 13.38 -6.59
C GLY A 74 4.81 14.49 -5.69
N SER A 75 4.58 14.36 -4.39
CA SER A 75 5.16 15.33 -3.45
C SER A 75 6.68 15.36 -3.58
N MET A 76 7.33 14.20 -3.57
CA MET A 76 8.78 14.17 -3.59
C MET A 76 9.34 14.66 -4.92
N ALA A 77 8.65 14.36 -6.02
CA ALA A 77 9.08 14.84 -7.32
C ALA A 77 8.99 16.36 -7.38
N GLU A 78 7.87 16.92 -6.93
CA GLU A 78 7.72 18.37 -6.99
C GLU A 78 8.71 19.07 -6.05
N ALA A 79 9.11 18.43 -4.95
CA ALA A 79 10.09 19.01 -4.04
C ALA A 79 11.51 18.86 -4.54
N GLY A 80 11.72 18.10 -5.60
CA GLY A 80 13.04 17.90 -6.17
C GLY A 80 13.87 16.85 -5.49
N TYR A 81 13.27 15.98 -4.67
CA TYR A 81 14.02 14.97 -3.94
C TYR A 81 14.35 13.75 -4.78
N ILE A 82 13.66 13.56 -5.90
CA ILE A 82 13.83 12.41 -6.79
C ILE A 82 13.75 12.96 -8.21
N ASN A 83 14.57 12.44 -9.11
CA ASN A 83 14.61 12.85 -10.51
C ASN A 83 13.87 11.83 -11.37
N PRO A 84 13.45 12.21 -12.58
CA PRO A 84 12.86 11.22 -13.49
C PRO A 84 13.84 10.13 -13.88
N LEU A 85 13.33 8.92 -14.05
CA LEU A 85 14.13 7.85 -14.62
C LEU A 85 14.52 8.19 -16.06
N SER A 86 15.69 7.71 -16.47
CA SER A 86 16.15 7.88 -17.84
C SER A 86 15.22 7.13 -18.80
N PRO A 87 15.31 7.43 -20.10
CA PRO A 87 14.50 6.66 -21.06
C PRO A 87 14.74 5.16 -20.98
N ASP A 88 16.01 4.75 -20.86
CA ASP A 88 16.29 3.32 -20.83
C ASP A 88 15.75 2.67 -19.55
N ALA A 89 15.87 3.37 -18.43
CA ALA A 89 15.36 2.82 -17.17
C ALA A 89 13.84 2.74 -17.20
N THR A 90 13.20 3.75 -17.80
CA THR A 90 11.75 3.76 -17.96
C THR A 90 11.29 2.58 -18.80
N LYS A 91 11.97 2.34 -19.91
CA LYS A 91 11.58 1.27 -20.80
C LYS A 91 11.66 -0.08 -20.10
N ALA A 92 12.70 -0.28 -19.30
CA ALA A 92 12.81 -1.53 -18.56
C ALA A 92 11.65 -1.69 -17.58
N VAL A 93 11.34 -0.65 -16.80
CA VAL A 93 10.25 -0.76 -15.85
C VAL A 93 8.95 -1.10 -16.59
N LYS A 94 8.69 -0.38 -17.69
N LYS A 94 8.70 -0.38 -17.69
CA LYS A 94 7.43 -0.54 -18.38
CA LYS A 94 7.44 -0.51 -18.41
C LYS A 94 7.30 -1.93 -18.98
C LYS A 94 7.30 -1.90 -19.03
N ASN A 95 8.37 -2.42 -19.60
CA ASN A 95 8.29 -3.69 -20.29
C ASN A 95 8.27 -4.87 -19.33
N ASN A 96 8.89 -4.75 -18.15
CA ASN A 96 9.06 -5.91 -17.31
C ASN A 96 7.94 -6.11 -16.30
N ASN A 97 7.18 -5.07 -15.99
CA ASN A 97 6.23 -5.09 -14.89
C ASN A 97 4.81 -4.88 -15.40
N VAL A 98 3.85 -5.28 -14.57
CA VAL A 98 2.46 -5.10 -14.94
C VAL A 98 2.11 -3.62 -15.06
N ALA A 99 1.05 -3.35 -15.83
CA ALA A 99 0.71 -1.97 -16.19
C ALA A 99 0.49 -1.09 -14.97
N VAL A 100 -0.18 -1.59 -13.93
CA VAL A 100 -0.49 -0.74 -12.79
C VAL A 100 0.77 -0.34 -12.04
N ALA A 101 1.83 -1.16 -12.11
CA ALA A 101 3.10 -0.78 -11.50
C ALA A 101 3.66 0.45 -12.17
N SER A 102 3.64 0.48 -13.50
CA SER A 102 4.10 1.67 -14.21
C SER A 102 3.21 2.86 -13.92
N GLU A 103 1.89 2.67 -13.91
CA GLU A 103 1.00 3.77 -13.56
C GLU A 103 1.35 4.31 -12.16
N GLY A 104 1.64 3.39 -11.24
CA GLY A 104 1.91 3.78 -9.86
C GLY A 104 3.11 4.68 -9.70
N VAL A 105 4.12 4.55 -10.56
CA VAL A 105 5.35 5.35 -10.43
C VAL A 105 5.42 6.53 -11.39
N THR A 106 4.39 6.75 -12.21
CA THR A 106 4.41 7.79 -13.24
C THR A 106 3.68 9.03 -12.74
N TRP A 107 4.34 10.17 -12.81
CA TRP A 107 3.83 11.45 -12.37
C TRP A 107 4.02 12.41 -13.53
N LYS A 108 2.91 12.96 -14.02
CA LYS A 108 2.95 13.87 -15.17
C LYS A 108 3.76 13.28 -16.32
N GLY A 109 3.54 12.00 -16.57
CA GLY A 109 4.14 11.36 -17.72
C GLY A 109 5.54 10.85 -17.57
N LYS A 110 6.18 11.01 -16.41
CA LYS A 110 7.55 10.57 -16.18
C LYS A 110 7.57 9.62 -14.99
N MET A 111 8.41 8.60 -15.06
CA MET A 111 8.59 7.69 -13.92
C MET A 111 9.56 8.27 -12.92
N PHE A 112 9.25 8.10 -11.63
CA PHE A 112 10.08 8.61 -10.55
C PHE A 112 10.56 7.55 -9.57
N ALA A 113 10.27 6.28 -9.80
CA ALA A 113 10.72 5.23 -8.89
C ALA A 113 10.68 3.90 -9.63
N TYR A 114 11.26 2.90 -8.97
CA TYR A 114 11.45 1.56 -9.50
C TYR A 114 10.48 0.65 -8.74
N PRO A 115 9.38 0.23 -9.33
CA PRO A 115 8.37 -0.53 -8.58
C PRO A 115 8.81 -1.97 -8.40
N PHE A 116 8.38 -2.59 -7.29
CA PHE A 116 8.71 -3.99 -7.07
C PHE A 116 7.62 -4.83 -6.43
N ALA A 117 6.63 -4.28 -5.75
CA ALA A 117 5.60 -5.11 -5.13
C ALA A 117 4.23 -4.47 -5.26
N GLU A 118 3.24 -5.33 -5.40
CA GLU A 118 1.84 -4.95 -5.54
C GLU A 118 1.18 -5.19 -4.19
N GLN A 119 0.58 -4.14 -3.61
CA GLN A 119 0.01 -4.22 -2.26
C GLN A 119 -1.48 -3.93 -2.29
N ALA A 120 -2.28 -4.90 -1.91
CA ALA A 120 -3.68 -4.69 -1.61
C ALA A 120 -3.99 -5.46 -0.34
N GLN A 121 -4.70 -4.84 0.58
CA GLN A 121 -5.13 -5.56 1.76
C GLN A 121 -6.21 -6.58 1.41
N THR A 122 -6.29 -7.61 2.25
CA THR A 122 -7.21 -8.71 2.15
C THR A 122 -7.66 -9.06 3.55
N ILE A 123 -8.66 -9.93 3.65
CA ILE A 123 -9.04 -10.54 4.91
C ILE A 123 -8.09 -11.70 5.18
N TYR A 124 -7.43 -11.68 6.32
CA TYR A 124 -6.68 -12.82 6.82
C TYR A 124 -7.45 -13.38 8.00
N TYR A 125 -7.69 -14.69 8.01
CA TYR A 125 -8.59 -15.24 9.02
C TYR A 125 -8.20 -16.64 9.41
N ASN A 126 -8.69 -17.02 10.59
CA ASN A 126 -8.48 -18.33 11.19
C ASN A 126 -9.59 -19.24 10.70
N LYS A 127 -9.26 -20.18 9.82
CA LYS A 127 -10.30 -20.99 9.23
C LYS A 127 -10.90 -22.00 10.18
N SER A 128 -10.36 -22.18 11.39
CA SER A 128 -11.06 -22.97 12.37
C SER A 128 -12.19 -22.20 13.03
N LYS A 129 -12.24 -20.88 12.84
CA LYS A 129 -13.24 -20.02 13.44
C LYS A 129 -14.27 -19.48 12.46
N LEU A 130 -13.90 -19.31 11.19
CA LEU A 130 -14.78 -18.79 10.17
C LEU A 130 -14.60 -19.60 8.89
N THR A 131 -15.67 -19.73 8.11
CA THR A 131 -15.56 -20.39 6.82
C THR A 131 -15.34 -19.41 5.67
N ALA A 132 -15.01 -19.97 4.50
CA ALA A 132 -14.86 -19.16 3.31
C ALA A 132 -16.16 -18.46 2.95
N ASP A 133 -17.30 -19.09 3.22
CA ASP A 133 -18.55 -18.41 2.94
C ASP A 133 -18.83 -17.29 3.96
N ASP A 134 -18.46 -17.50 5.22
CA ASP A 134 -18.71 -16.50 6.24
C ASP A 134 -18.03 -15.17 5.89
N VAL A 135 -16.85 -15.21 5.29
CA VAL A 135 -16.07 -14.00 5.07
C VAL A 135 -16.49 -13.25 3.82
N LYS A 136 -17.55 -13.67 3.14
CA LYS A 136 -17.98 -12.98 1.92
C LYS A 136 -18.67 -11.66 2.18
N THR A 137 -19.29 -11.48 3.35
CA THR A 137 -19.98 -10.24 3.67
C THR A 137 -19.49 -9.74 5.02
N TRP A 138 -19.44 -8.42 5.18
CA TRP A 138 -18.95 -7.84 6.43
C TRP A 138 -19.88 -8.17 7.59
N ASP A 139 -21.18 -8.00 7.39
CA ASP A 139 -22.11 -8.25 8.49
C ASP A 139 -22.15 -9.73 8.84
N GLY A 140 -22.05 -10.59 7.84
CA GLY A 140 -22.08 -12.02 8.09
C GLY A 140 -20.84 -12.49 8.82
N LEU A 141 -19.68 -11.95 8.44
CA LEU A 141 -18.42 -12.31 9.09
C LEU A 141 -18.48 -11.86 10.54
N THR A 142 -18.81 -10.59 10.76
CA THR A 142 -18.74 -10.03 12.11
C THR A 142 -19.84 -10.57 13.02
N ALA A 143 -20.91 -11.14 12.48
CA ALA A 143 -21.92 -11.86 13.29
C ALA A 143 -21.38 -13.18 13.80
N LYS A 144 -20.33 -13.72 13.18
CA LYS A 144 -19.81 -15.03 13.51
C LYS A 144 -18.45 -15.03 14.18
N GLY A 145 -17.71 -13.93 14.14
CA GLY A 145 -16.42 -13.89 14.79
C GLY A 145 -15.95 -12.46 14.83
N VAL A 146 -14.91 -12.20 15.60
CA VAL A 146 -14.40 -10.85 15.80
C VAL A 146 -13.35 -10.50 14.76
N LEU A 147 -13.57 -9.36 14.11
CA LEU A 147 -12.61 -8.75 13.20
C LEU A 147 -11.95 -7.57 13.92
N ALA A 148 -10.63 -7.61 14.05
CA ALA A 148 -9.88 -6.55 14.73
C ALA A 148 -9.29 -5.61 13.70
N THR A 149 -9.42 -4.31 13.92
CA THR A 149 -8.99 -3.33 12.93
C THR A 149 -8.83 -1.98 13.60
N ASP A 150 -8.43 -0.98 12.82
CA ASP A 150 -8.06 0.34 13.33
C ASP A 150 -8.74 1.43 12.50
N PHE A 151 -9.76 2.06 13.08
CA PHE A 151 -10.48 3.14 12.42
C PHE A 151 -9.74 4.47 12.48
N THR A 152 -8.58 4.55 13.11
CA THR A 152 -7.79 5.76 13.07
C THR A 152 -6.83 5.77 11.88
N ASN A 153 -6.82 4.71 11.07
CA ASN A 153 -5.91 4.57 9.94
C ASN A 153 -6.72 4.75 8.66
N ALA A 154 -6.47 5.85 7.96
CA ALA A 154 -7.24 6.17 6.76
C ALA A 154 -6.91 5.26 5.59
N TYR A 155 -5.72 4.64 5.58
CA TYR A 155 -5.43 3.65 4.56
C TYR A 155 -6.35 2.45 4.68
N ASN A 156 -6.75 2.09 5.91
CA ASN A 156 -7.69 1.00 6.08
C ASN A 156 -9.07 1.35 5.51
N PHE A 157 -9.59 2.54 5.82
CA PHE A 157 -11.01 2.81 5.70
C PHE A 157 -11.44 3.88 4.70
N TYR A 158 -10.54 4.75 4.22
CA TYR A 158 -11.00 5.69 3.21
C TYR A 158 -11.65 5.00 2.03
N PRO A 159 -11.18 3.83 1.56
CA PRO A 159 -11.79 3.22 0.38
C PRO A 159 -13.28 2.87 0.52
N VAL A 160 -13.85 2.86 1.72
CA VAL A 160 -15.30 2.75 1.83
C VAL A 160 -15.98 3.90 1.10
N PHE A 161 -15.39 5.10 1.09
CA PHE A 161 -15.97 6.18 0.29
C PHE A 161 -15.99 5.85 -1.19
N LEU A 162 -15.00 5.09 -1.67
CA LEU A 162 -14.96 4.68 -3.07
C LEU A 162 -16.02 3.61 -3.33
N SER A 163 -16.21 2.68 -2.39
CA SER A 163 -17.33 1.76 -2.48
C SER A 163 -18.67 2.48 -2.58
N ALA A 164 -18.78 3.60 -1.86
CA ALA A 164 -20.00 4.41 -1.86
C ALA A 164 -20.23 5.13 -3.17
N GLY A 165 -19.26 5.12 -4.09
CA GLY A 165 -19.47 5.70 -5.40
C GLY A 165 -18.85 7.07 -5.60
N THR A 166 -17.99 7.52 -4.69
CA THR A 166 -17.31 8.79 -4.85
C THR A 166 -15.95 8.56 -5.48
N GLN A 167 -15.35 9.65 -5.94
CA GLN A 167 -14.02 9.63 -6.54
C GLN A 167 -13.03 10.37 -5.66
N LEU A 168 -11.76 9.95 -5.73
CA LEU A 168 -10.65 10.59 -5.03
C LEU A 168 -9.74 11.20 -6.09
N TYR A 169 -9.73 12.51 -6.16
CA TYR A 169 -8.97 13.22 -7.19
C TYR A 169 -9.35 12.76 -8.59
N GLY A 170 -10.64 12.55 -8.80
CA GLY A 170 -11.16 12.33 -10.14
C GLY A 170 -11.03 10.91 -10.62
N LYS A 171 -11.32 10.75 -11.91
CA LYS A 171 -11.42 9.45 -12.54
C LYS A 171 -10.15 8.63 -12.32
N THR A 172 -8.98 9.25 -12.54
CA THR A 172 -7.72 8.54 -12.50
C THR A 172 -6.79 9.11 -11.44
N GLY A 173 -7.31 9.82 -10.46
CA GLY A 173 -6.49 10.30 -9.36
C GLY A 173 -5.55 11.43 -9.70
N GLU A 174 -5.80 12.15 -10.79
CA GLU A 174 -4.94 13.23 -11.22
C GLU A 174 -5.61 14.60 -11.20
N THR A 175 -6.85 14.70 -10.73
CA THR A 175 -7.64 15.92 -10.83
C THR A 175 -7.70 16.58 -9.45
N VAL A 176 -7.04 17.73 -9.31
CA VAL A 176 -6.92 18.40 -8.02
C VAL A 176 -8.29 18.61 -7.37
N LYS A 177 -9.29 19.05 -8.16
CA LYS A 177 -10.62 19.36 -7.67
C LYS A 177 -11.59 18.21 -7.86
N GLY A 178 -11.10 16.99 -8.05
CA GLY A 178 -11.95 15.90 -8.43
C GLY A 178 -12.49 15.02 -7.32
N THR A 179 -12.24 15.33 -6.06
CA THR A 179 -12.82 14.55 -4.96
C THR A 179 -14.22 15.07 -4.71
N ASP A 180 -15.21 14.18 -4.80
CA ASP A 180 -16.63 14.55 -4.72
C ASP A 180 -17.35 13.86 -3.57
N VAL A 181 -16.63 13.62 -2.48
CA VAL A 181 -17.18 12.93 -1.32
C VAL A 181 -18.14 13.79 -0.52
N ASN A 182 -18.18 15.10 -0.79
CA ASN A 182 -19.12 16.02 -0.14
C ASN A 182 -20.50 15.89 -0.81
N SER A 183 -21.16 14.77 -0.52
CA SER A 183 -22.36 14.36 -1.23
C SER A 183 -23.11 13.38 -0.35
N ALA A 184 -24.34 13.05 -0.77
CA ALA A 184 -25.11 12.02 -0.09
C ALA A 184 -24.36 10.69 -0.09
N LYS A 185 -23.63 10.37 -1.16
CA LYS A 185 -22.85 9.14 -1.16
C LYS A 185 -21.76 9.17 -0.09
N GLY A 186 -21.07 10.29 0.07
CA GLY A 186 -20.12 10.40 1.17
C GLY A 186 -20.77 10.22 2.53
N GLU A 187 -21.97 10.76 2.71
CA GLU A 187 -22.68 10.58 3.97
C GLU A 187 -22.99 9.12 4.24
N GLN A 188 -23.26 8.33 3.18
CA GLN A 188 -23.53 6.91 3.37
C GLN A 188 -22.31 6.19 3.92
N ALA A 189 -21.11 6.58 3.46
CA ALA A 189 -19.91 5.98 4.00
C ALA A 189 -19.72 6.38 5.46
N MET A 190 -19.93 7.66 5.78
CA MET A 190 -19.82 8.12 7.17
C MET A 190 -20.76 7.31 8.07
N ALA A 191 -21.99 7.07 7.61
CA ALA A 191 -22.94 6.30 8.41
C ALA A 191 -22.47 4.86 8.60
N TRP A 192 -21.82 4.26 7.59
CA TRP A 192 -21.29 2.91 7.75
C TRP A 192 -20.22 2.88 8.84
N PHE A 193 -19.30 3.84 8.85
CA PHE A 193 -18.31 3.88 9.93
C PHE A 193 -19.00 3.94 11.29
N ALA A 194 -20.00 4.81 11.40
CA ALA A 194 -20.68 5.00 12.67
C ALA A 194 -21.36 3.73 13.13
N GLN A 195 -21.92 2.96 12.20
N GLN A 195 -21.87 2.94 12.19
CA GLN A 195 -22.58 1.71 12.55
CA GLN A 195 -22.57 1.71 12.49
C GLN A 195 -21.61 0.73 13.20
C GLN A 195 -21.64 0.65 13.06
N GLN A 196 -20.33 0.76 12.79
CA GLN A 196 -19.42 -0.28 13.26
C GLN A 196 -19.10 -0.13 14.74
N LYS A 197 -19.33 1.04 15.33
CA LYS A 197 -19.03 1.23 16.75
C LYS A 197 -19.84 0.30 17.62
N SER A 198 -21.07 0.00 17.21
CA SER A 198 -21.95 -0.89 17.96
C SER A 198 -21.96 -2.31 17.41
N ASN A 199 -21.10 -2.61 16.45
CA ASN A 199 -20.98 -3.97 15.94
C ASN A 199 -20.07 -4.73 16.88
N LYS A 200 -20.65 -5.67 17.63
CA LYS A 200 -19.88 -6.40 18.63
C LYS A 200 -18.79 -7.27 18.02
N GLY A 201 -18.87 -7.56 16.73
CA GLY A 201 -17.84 -8.32 16.05
C GLY A 201 -16.74 -7.46 15.44
N VAL A 202 -16.68 -6.17 15.76
CA VAL A 202 -15.63 -5.29 15.26
C VAL A 202 -14.89 -4.73 16.46
N MET A 203 -13.60 -5.04 16.56
CA MET A 203 -12.77 -4.63 17.68
C MET A 203 -11.78 -3.57 17.19
N GLN A 204 -11.89 -2.38 17.75
CA GLN A 204 -10.88 -1.33 17.54
C GLN A 204 -9.60 -1.65 18.30
N THR A 205 -8.47 -1.60 17.61
CA THR A 205 -7.18 -1.85 18.22
C THR A 205 -6.08 -1.20 17.38
N SER A 206 -5.02 -0.77 18.06
CA SER A 206 -3.84 -0.25 17.38
C SER A 206 -2.91 -1.36 16.93
N ASN A 207 -3.18 -2.63 17.31
CA ASN A 207 -2.36 -3.75 16.88
C ASN A 207 -3.26 -4.96 16.59
N ALA A 208 -3.88 -4.93 15.41
CA ALA A 208 -4.77 -6.02 15.02
C ALA A 208 -4.02 -7.34 14.92
N LEU A 209 -2.79 -7.31 14.43
CA LEU A 209 -2.05 -8.57 14.28
C LEU A 209 -1.88 -9.27 15.62
N ASN A 210 -1.59 -8.50 16.68
CA ASN A 210 -1.48 -9.10 18.01
C ASN A 210 -2.78 -9.73 18.45
N GLN A 211 -3.92 -9.16 18.07
CA GLN A 211 -5.20 -9.75 18.45
C GLN A 211 -5.43 -11.06 17.72
N LEU A 212 -4.99 -11.15 16.47
CA LEU A 212 -5.06 -12.42 15.76
C LEU A 212 -4.16 -13.45 16.43
N LYS A 213 -2.93 -13.04 16.79
CA LYS A 213 -1.97 -13.96 17.42
C LYS A 213 -2.52 -14.53 18.72
N SER A 214 -3.10 -13.67 19.56
CA SER A 214 -3.57 -14.10 20.88
C SER A 214 -4.87 -14.86 20.81
N GLY A 215 -5.52 -14.87 19.65
CA GLY A 215 -6.78 -15.54 19.47
C GLY A 215 -7.99 -14.70 19.82
N LYS A 216 -7.80 -13.44 20.21
CA LYS A 216 -8.95 -12.59 20.50
C LYS A 216 -9.68 -12.16 19.24
N ALA A 217 -9.05 -12.23 18.07
CA ALA A 217 -9.69 -11.94 16.81
C ALA A 217 -9.66 -13.18 15.93
N ALA A 218 -10.74 -13.39 15.20
CA ALA A 218 -10.81 -14.45 14.21
C ALA A 218 -10.34 -13.98 12.84
N ALA A 219 -10.34 -12.67 12.60
CA ALA A 219 -10.00 -12.12 11.30
C ALA A 219 -9.42 -10.73 11.49
N ILE A 220 -8.57 -10.32 10.54
CA ILE A 220 -8.06 -8.95 10.44
C ILE A 220 -8.03 -8.57 8.96
N LEU A 221 -7.96 -7.26 8.71
CA LEU A 221 -7.60 -6.71 7.41
C LEU A 221 -6.12 -6.40 7.46
N ASP A 222 -5.35 -6.88 6.50
CA ASP A 222 -3.91 -6.61 6.51
C ASP A 222 -3.39 -6.77 5.09
N GLY A 223 -2.13 -6.43 4.88
CA GLY A 223 -1.51 -6.47 3.57
C GLY A 223 -0.39 -7.47 3.46
N PRO A 224 0.13 -7.63 2.24
CA PRO A 224 1.05 -8.76 1.98
C PRO A 224 2.41 -8.59 2.60
N TRP A 225 2.76 -7.40 3.11
CA TRP A 225 3.95 -7.25 3.95
C TRP A 225 3.88 -8.18 5.15
N ASN A 226 2.68 -8.63 5.52
CA ASN A 226 2.49 -9.58 6.61
C ASN A 226 2.04 -10.97 6.14
N SER A 227 2.15 -11.28 4.85
CA SER A 227 1.66 -12.57 4.38
C SER A 227 2.40 -13.74 5.06
N ALA A 228 3.72 -13.81 4.90
CA ALA A 228 4.48 -14.88 5.55
C ALA A 228 4.34 -14.81 7.06
N ASN A 229 4.27 -13.61 7.63
CA ASN A 229 4.12 -13.48 9.08
C ASN A 229 2.82 -14.13 9.54
N ILE A 230 1.72 -13.89 8.83
CA ILE A 230 0.42 -14.40 9.25
C ILE A 230 0.34 -15.91 8.99
N LYS A 231 0.93 -16.39 7.89
CA LYS A 231 1.04 -17.82 7.67
C LYS A 231 1.74 -18.51 8.83
N LYS A 232 2.80 -17.92 9.35
CA LYS A 232 3.48 -18.52 10.51
C LYS A 232 2.58 -18.48 11.75
N ILE A 233 1.90 -17.37 11.98
CA ILE A 233 1.06 -17.24 13.18
C ILE A 233 -0.09 -18.26 13.15
N LEU A 234 -0.78 -18.36 12.02
CA LEU A 234 -1.97 -19.19 11.95
C LEU A 234 -1.66 -20.64 11.59
N GLY A 235 -0.51 -20.92 10.99
CA GLY A 235 -0.17 -22.31 10.67
C GLY A 235 -1.23 -22.96 9.80
N LYS A 236 -1.64 -24.18 10.20
CA LYS A 236 -2.61 -24.92 9.41
C LYS A 236 -3.99 -24.25 9.39
N ASN A 237 -4.23 -23.26 10.23
CA ASN A 237 -5.49 -22.53 10.21
C ASN A 237 -5.45 -21.29 9.34
N PHE A 238 -4.36 -21.06 8.62
CA PHE A 238 -4.27 -19.88 7.77
C PHE A 238 -5.31 -19.90 6.65
N ALA A 239 -5.95 -18.76 6.44
CA ALA A 239 -6.78 -18.55 5.27
C ALA A 239 -6.78 -17.06 4.92
N VAL A 240 -7.09 -16.80 3.65
CA VAL A 240 -7.10 -15.44 3.12
C VAL A 240 -8.26 -15.33 2.15
N ALA A 241 -8.83 -14.13 2.04
CA ALA A 241 -9.92 -13.87 1.11
C ALA A 241 -9.82 -12.43 0.65
N PRO A 242 -10.33 -12.10 -0.55
CA PRO A 242 -10.52 -10.70 -0.90
C PRO A 242 -11.50 -10.06 0.08
N TYR A 243 -11.52 -8.73 0.06
CA TYR A 243 -12.48 -8.01 0.89
C TYR A 243 -13.91 -8.41 0.58
N PRO A 244 -14.78 -8.25 1.58
CA PRO A 244 -16.18 -8.68 1.48
C PRO A 244 -17.06 -7.61 0.88
N THR A 245 -18.35 -7.91 0.72
CA THR A 245 -19.32 -6.85 0.48
C THR A 245 -19.69 -6.18 1.81
N ILE A 246 -20.14 -4.93 1.69
CA ILE A 246 -20.72 -4.14 2.77
C ILE A 246 -22.05 -3.59 2.28
N LYS A 247 -22.89 -3.17 3.23
CA LYS A 247 -24.18 -2.57 2.93
C LYS A 247 -24.05 -1.06 3.05
N LEU A 248 -24.31 -0.36 1.95
CA LEU A 248 -24.32 1.09 1.90
C LEU A 248 -25.66 1.49 1.31
N ASP A 249 -26.40 2.32 2.03
CA ASP A 249 -27.73 2.71 1.58
C ASP A 249 -28.56 1.48 1.24
N GLY A 250 -28.42 0.44 2.04
CA GLY A 250 -29.20 -0.78 1.87
C GLY A 250 -28.77 -1.70 0.74
N LYS A 251 -27.73 -1.35 -0.02
CA LYS A 251 -27.29 -2.15 -1.15
C LYS A 251 -25.97 -2.83 -0.80
N ASP A 252 -25.79 -4.07 -1.26
CA ASP A 252 -24.50 -4.76 -1.12
C ASP A 252 -23.55 -4.28 -2.21
N VAL A 253 -22.39 -3.81 -1.81
CA VAL A 253 -21.36 -3.36 -2.73
C VAL A 253 -20.02 -3.88 -2.22
N GLN A 254 -19.08 -4.11 -3.13
CA GLN A 254 -17.78 -4.60 -2.67
C GLN A 254 -17.10 -3.51 -1.85
N MET A 255 -16.57 -3.89 -0.70
CA MET A 255 -15.72 -3.02 0.09
C MET A 255 -14.36 -2.94 -0.58
N GLN A 256 -13.91 -1.73 -0.91
CA GLN A 256 -12.62 -1.55 -1.57
C GLN A 256 -11.48 -1.48 -0.57
N ALA A 257 -10.29 -1.76 -1.06
CA ALA A 257 -9.02 -1.36 -0.45
C ALA A 257 -8.32 -0.41 -1.41
N PHE A 258 -7.28 0.27 -0.92
CA PHE A 258 -6.34 0.90 -1.84
C PHE A 258 -5.46 -0.16 -2.50
N LEU A 259 -5.08 0.11 -3.74
N LEU A 259 -5.09 0.10 -3.75
CA LEU A 259 -4.02 -0.62 -4.39
CA LEU A 259 -4.01 -0.62 -4.40
C LEU A 259 -2.77 0.26 -4.32
C LEU A 259 -2.79 0.28 -4.28
N GLY A 260 -1.73 -0.24 -3.69
CA GLY A 260 -0.48 0.47 -3.56
C GLY A 260 0.63 -0.25 -4.32
N ILE A 261 1.60 0.53 -4.80
CA ILE A 261 2.80 -0.02 -5.41
C ILE A 261 3.98 0.36 -4.54
N GLU A 262 4.71 -0.65 -4.05
CA GLU A 262 5.91 -0.40 -3.27
C GLU A 262 7.08 -0.26 -4.22
N THR A 263 7.96 0.71 -3.93
CA THR A 263 9.02 1.10 -4.86
C THR A 263 10.32 1.38 -4.11
N PHE A 264 11.40 1.44 -4.88
CA PHE A 264 12.62 2.12 -4.45
C PHE A 264 12.84 3.34 -5.32
N ALA A 265 13.24 4.43 -4.70
CA ALA A 265 13.58 5.66 -5.39
C ALA A 265 15.03 6.03 -5.09
N VAL A 266 15.59 6.79 -6.04
CA VAL A 266 16.96 7.31 -5.94
C VAL A 266 16.92 8.74 -5.45
N ASN A 267 17.66 9.03 -4.39
CA ASN A 267 17.79 10.37 -3.85
C ASN A 267 18.52 11.24 -4.86
N SER A 268 17.91 12.37 -5.23
CA SER A 268 18.55 13.26 -6.19
C SER A 268 19.82 13.93 -5.68
N HIS A 269 20.13 13.83 -4.39
CA HIS A 269 21.37 14.45 -3.93
C HIS A 269 22.61 13.79 -4.54
N ALA A 270 22.58 12.47 -4.76
CA ALA A 270 23.75 11.76 -5.25
C ALA A 270 24.16 12.29 -6.62
N SER A 271 25.47 12.27 -6.86
CA SER A 271 26.04 12.76 -8.11
C SER A 271 27.14 11.82 -8.56
N GLY A 272 27.68 12.07 -9.76
CA GLY A 272 28.85 11.34 -10.22
C GLY A 272 28.66 9.85 -10.17
N SER A 273 29.74 9.15 -9.79
CA SER A 273 29.75 7.69 -9.70
C SER A 273 28.66 7.21 -8.76
N ASN A 274 28.48 7.89 -7.62
CA ASN A 274 27.52 7.42 -6.62
C ASN A 274 26.10 7.43 -7.16
N GLN A 275 25.78 8.43 -8.00
CA GLN A 275 24.46 8.48 -8.61
C GLN A 275 24.26 7.31 -9.56
N LYS A 276 25.26 7.02 -10.40
CA LYS A 276 25.14 5.87 -11.29
C LYS A 276 25.03 4.58 -10.49
N ALA A 277 25.82 4.45 -9.43
CA ALA A 277 25.73 3.26 -8.59
C ALA A 277 24.35 3.11 -7.97
N ALA A 278 23.77 4.22 -7.51
CA ALA A 278 22.47 4.19 -6.86
C ALA A 278 21.39 3.75 -7.85
N ALA A 279 21.42 4.30 -9.07
CA ALA A 279 20.44 3.90 -10.07
C ALA A 279 20.62 2.44 -10.46
N THR A 280 21.87 1.98 -10.54
CA THR A 280 22.10 0.57 -10.87
C THR A 280 21.57 -0.33 -9.75
N LEU A 281 21.81 0.06 -8.50
CA LEU A 281 21.28 -0.71 -7.38
C LEU A 281 19.76 -0.74 -7.39
N ALA A 282 19.12 0.42 -7.60
CA ALA A 282 17.67 0.46 -7.57
C ALA A 282 17.08 -0.44 -8.63
N SER A 283 17.65 -0.42 -9.83
N SER A 283 17.65 -0.46 -9.83
CA SER A 283 17.22 -1.33 -10.90
CA SER A 283 17.13 -1.35 -10.86
C SER A 283 17.39 -2.78 -10.49
C SER A 283 17.40 -2.81 -10.53
N PHE A 284 18.54 -3.12 -9.93
CA PHE A 284 18.85 -4.51 -9.61
C PHE A 284 17.92 -5.04 -8.51
N ILE A 285 17.75 -4.28 -7.42
CA ILE A 285 17.01 -4.80 -6.27
C ILE A 285 15.51 -4.88 -6.55
N THR A 286 15.07 -4.32 -7.66
CA THR A 286 13.70 -4.41 -8.12
C THR A 286 13.54 -5.28 -9.36
N ASN A 287 14.59 -6.03 -9.71
CA ASN A 287 14.51 -6.92 -10.87
C ASN A 287 13.74 -8.20 -10.50
N LYS A 288 13.53 -9.06 -11.50
CA LYS A 288 12.67 -10.22 -11.29
C LYS A 288 13.26 -11.13 -10.22
N GLU A 289 14.55 -11.43 -10.30
CA GLU A 289 15.16 -12.33 -9.33
C GLU A 289 15.01 -11.79 -7.92
N SER A 290 15.22 -10.49 -7.75
CA SER A 290 15.12 -9.86 -6.44
C SER A 290 13.68 -9.85 -5.93
N GLN A 291 12.72 -9.59 -6.82
CA GLN A 291 11.31 -9.65 -6.44
C GLN A 291 10.94 -11.03 -5.95
N LEU A 292 11.49 -12.07 -6.57
CA LEU A 292 11.19 -13.44 -6.15
C LEU A 292 11.83 -13.76 -4.80
N ILE A 293 13.00 -13.20 -4.51
CA ILE A 293 13.60 -13.36 -3.17
C ILE A 293 12.75 -12.68 -2.12
N VAL A 294 12.28 -11.47 -2.40
CA VAL A 294 11.35 -10.80 -1.49
C VAL A 294 10.12 -11.67 -1.25
N TYR A 295 9.54 -12.20 -2.33
CA TYR A 295 8.37 -13.07 -2.20
C TYR A 295 8.67 -14.27 -1.31
N ASP A 296 9.84 -14.90 -1.54
CA ASP A 296 10.20 -16.09 -0.78
C ASP A 296 10.27 -15.83 0.71
N HIS A 297 10.65 -14.63 1.11
CA HIS A 297 10.83 -14.28 2.52
C HIS A 297 9.57 -13.70 3.16
N SER A 298 8.97 -12.69 2.55
CA SER A 298 7.85 -11.99 3.18
C SER A 298 6.49 -12.36 2.63
N GLY A 299 6.45 -12.95 1.44
CA GLY A 299 5.22 -13.17 0.74
C GLY A 299 4.69 -11.99 -0.04
N GLN A 300 5.43 -10.88 -0.10
CA GLN A 300 4.96 -9.77 -0.92
C GLN A 300 4.88 -10.17 -2.38
N ILE A 301 3.95 -9.54 -3.08
CA ILE A 301 3.56 -9.96 -4.42
C ILE A 301 4.38 -9.21 -5.46
N PRO A 302 5.12 -9.91 -6.32
CA PRO A 302 5.88 -9.23 -7.39
C PRO A 302 4.97 -8.45 -8.32
N VAL A 303 5.52 -7.37 -8.90
CA VAL A 303 4.91 -6.71 -10.05
C VAL A 303 5.50 -7.17 -11.38
N ASP A 304 6.61 -7.89 -11.37
CA ASP A 304 7.19 -8.39 -12.61
C ASP A 304 6.22 -9.35 -13.28
N LYS A 305 6.01 -9.16 -14.59
CA LYS A 305 5.00 -9.94 -15.30
C LYS A 305 5.29 -11.43 -15.24
N THR A 306 6.55 -11.81 -15.46
N THR A 306 6.55 -11.82 -15.46
CA THR A 306 6.94 -13.21 -15.46
CA THR A 306 6.89 -13.23 -15.45
C THR A 306 6.85 -13.81 -14.05
C THR A 306 6.80 -13.81 -14.04
N ALA A 307 7.32 -13.07 -13.05
CA ALA A 307 7.28 -13.58 -11.69
C ALA A 307 5.84 -13.83 -11.22
N GLN A 308 4.90 -12.97 -11.61
CA GLN A 308 3.51 -13.17 -11.18
C GLN A 308 2.94 -14.48 -11.67
N LYS A 309 3.40 -14.95 -12.82
N LYS A 309 3.41 -14.96 -12.81
CA LYS A 309 2.88 -16.19 -13.38
CA LYS A 309 2.90 -16.18 -13.39
C LYS A 309 3.73 -17.41 -13.03
C LYS A 309 3.74 -17.41 -13.04
N SER A 310 4.80 -17.24 -12.25
CA SER A 310 5.57 -18.39 -11.80
C SER A 310 4.68 -19.32 -10.97
N SER A 311 5.03 -20.60 -10.96
N SER A 311 5.03 -20.60 -10.98
CA SER A 311 4.19 -21.59 -10.30
CA SER A 311 4.18 -21.58 -10.30
C SER A 311 4.00 -21.25 -8.83
C SER A 311 3.99 -21.23 -8.83
N LYS A 312 5.06 -20.83 -8.14
CA LYS A 312 4.93 -20.62 -6.70
C LYS A 312 4.03 -19.44 -6.40
N VAL A 313 4.15 -18.36 -7.19
CA VAL A 313 3.29 -17.21 -6.95
C VAL A 313 1.87 -17.52 -7.36
N ALA A 314 1.71 -18.16 -8.52
CA ALA A 314 0.39 -18.46 -9.05
C ALA A 314 -0.40 -19.38 -8.14
N SER A 315 0.26 -20.23 -7.36
CA SER A 315 -0.46 -21.12 -6.45
C SER A 315 -0.63 -20.55 -5.05
N ASP A 316 -0.13 -19.37 -4.78
CA ASP A 316 -0.23 -18.80 -3.44
C ASP A 316 -1.61 -18.17 -3.27
N PRO A 317 -2.39 -18.58 -2.26
CA PRO A 317 -3.72 -17.96 -2.12
C PRO A 317 -3.68 -16.45 -1.88
N VAL A 318 -2.62 -15.95 -1.23
CA VAL A 318 -2.53 -14.49 -1.04
C VAL A 318 -2.37 -13.79 -2.38
N ALA A 319 -1.52 -14.33 -3.26
CA ALA A 319 -1.37 -13.72 -4.57
C ALA A 319 -2.70 -13.70 -5.30
N GLY A 320 -3.45 -14.80 -5.22
CA GLY A 320 -4.75 -14.83 -5.89
C GLY A 320 -5.71 -13.80 -5.36
N ALA A 321 -5.73 -13.63 -4.03
CA ALA A 321 -6.60 -12.62 -3.44
C ALA A 321 -6.18 -11.20 -3.80
N VAL A 322 -4.87 -10.93 -3.85
CA VAL A 322 -4.38 -9.63 -4.28
C VAL A 322 -4.74 -9.37 -5.73
N MET A 323 -4.58 -10.36 -6.61
CA MET A 323 -4.94 -10.17 -8.02
C MET A 323 -6.43 -9.86 -8.16
N THR A 324 -7.27 -10.49 -7.34
CA THR A 324 -8.69 -10.14 -7.31
C THR A 324 -8.87 -8.70 -6.85
N MET A 325 -8.21 -8.34 -5.76
CA MET A 325 -8.37 -6.99 -5.22
C MET A 325 -7.98 -5.93 -6.21
N ALA A 326 -6.97 -6.19 -7.04
CA ALA A 326 -6.49 -5.22 -8.03
C ALA A 326 -7.49 -4.97 -9.15
N LYS A 327 -8.51 -5.81 -9.32
CA LYS A 327 -9.43 -5.61 -10.42
C LYS A 327 -10.30 -4.37 -10.17
N PRO A 328 -10.70 -3.68 -11.24
CA PRO A 328 -11.62 -2.56 -11.10
C PRO A 328 -12.83 -2.93 -10.26
N GLY A 329 -13.24 -2.00 -9.41
CA GLY A 329 -14.33 -2.20 -8.49
C GLY A 329 -13.92 -2.75 -7.15
N ASN A 330 -12.78 -3.42 -7.08
CA ASN A 330 -12.32 -4.02 -5.83
C ASN A 330 -11.27 -3.18 -5.13
N SER A 331 -10.63 -2.26 -5.84
CA SER A 331 -9.63 -1.37 -5.25
C SER A 331 -9.47 -0.18 -6.17
N THR A 332 -8.77 0.83 -5.67
CA THR A 332 -8.37 2.00 -6.44
C THR A 332 -6.90 2.26 -6.15
N LEU A 333 -6.11 2.49 -7.21
CA LEU A 333 -4.71 2.84 -7.05
C LEU A 333 -4.60 4.11 -6.20
N MET A 334 -3.70 4.11 -5.23
CA MET A 334 -3.49 5.32 -4.44
C MET A 334 -3.04 6.45 -5.36
N PRO A 335 -3.71 7.61 -5.34
CA PRO A 335 -3.18 8.77 -6.05
C PRO A 335 -1.86 9.23 -5.45
N LYS A 336 -1.15 10.05 -6.22
CA LYS A 336 0.17 10.51 -5.82
C LYS A 336 0.34 12.02 -5.90
N MET A 337 -0.79 12.75 -6.01
CA MET A 337 -0.84 14.20 -5.97
C MET A 337 -0.01 14.73 -4.79
N PRO A 338 0.67 15.87 -4.92
CA PRO A 338 1.30 16.47 -3.73
C PRO A 338 0.29 16.69 -2.60
N GLN A 339 -0.97 16.93 -2.94
CA GLN A 339 -2.04 17.15 -1.97
C GLN A 339 -2.34 15.91 -1.14
N MET A 340 -1.79 14.74 -1.51
CA MET A 340 -2.03 13.54 -0.72
C MET A 340 -1.60 13.74 0.72
N ALA A 341 -0.62 14.59 0.95
CA ALA A 341 -0.19 14.85 2.31
C ALA A 341 -1.34 15.38 3.16
N THR A 342 -2.09 16.32 2.60
CA THR A 342 -3.19 16.92 3.32
C THR A 342 -4.35 15.95 3.41
N PHE A 343 -4.58 15.21 2.32
CA PHE A 343 -5.59 14.16 2.30
C PHE A 343 -5.41 13.19 3.47
N TRP A 344 -4.22 12.64 3.64
CA TRP A 344 -4.03 11.61 4.66
C TRP A 344 -4.25 12.20 6.03
N ASN A 345 -3.72 13.40 6.26
CA ASN A 345 -3.83 14.03 7.57
C ASN A 345 -5.28 14.28 7.95
N ASP A 346 -6.08 14.72 6.99
CA ASP A 346 -7.45 15.09 7.28
C ASP A 346 -8.40 13.91 7.22
N ALA A 347 -8.05 12.87 6.44
CA ALA A 347 -8.97 11.75 6.27
C ALA A 347 -9.12 10.95 7.55
N ALA A 348 -8.04 10.79 8.31
CA ALA A 348 -8.11 9.97 9.51
C ALA A 348 -9.09 10.51 10.54
N PRO A 349 -9.07 11.79 10.91
CA PRO A 349 -10.08 12.27 11.87
C PRO A 349 -11.49 12.30 11.30
N LEU A 350 -11.63 12.46 9.99
CA LEU A 350 -12.96 12.40 9.38
C LEU A 350 -13.58 11.04 9.63
N ILE A 351 -12.84 9.98 9.30
CA ILE A 351 -13.33 8.62 9.43
C ILE A 351 -13.49 8.24 10.89
N ASN A 352 -12.45 8.49 11.69
CA ASN A 352 -12.52 8.07 13.08
C ASN A 352 -13.58 8.86 13.83
N GLY A 353 -13.75 10.14 13.48
CA GLY A 353 -14.81 10.94 14.10
C GLY A 353 -16.19 10.36 13.83
N ALA A 354 -16.42 9.87 12.61
CA ALA A 354 -17.68 9.20 12.32
C ALA A 354 -17.83 7.93 13.14
N TYR A 355 -16.77 7.13 13.19
CA TYR A 355 -16.78 5.87 13.94
C TYR A 355 -17.08 6.10 15.41
N THR A 356 -16.36 7.04 16.06
CA THR A 356 -16.55 7.20 17.50
C THR A 356 -17.81 7.95 17.85
N GLY A 357 -18.39 8.67 16.91
CA GLY A 357 -19.48 9.58 17.20
C GLY A 357 -19.08 10.98 17.54
N SER A 358 -17.78 11.28 17.58
CA SER A 358 -17.35 12.66 17.78
C SER A 358 -17.93 13.56 16.69
N ILE A 359 -18.04 13.05 15.46
CA ILE A 359 -18.81 13.68 14.39
C ILE A 359 -20.18 13.01 14.36
N PRO A 360 -21.24 13.69 14.77
CA PRO A 360 -22.58 13.11 14.69
C PRO A 360 -23.11 13.23 13.25
N ALA A 361 -24.16 12.45 12.96
CA ALA A 361 -24.76 12.46 11.63
C ALA A 361 -25.18 13.85 11.19
N SER A 362 -25.64 14.70 12.13
CA SER A 362 -26.06 16.04 11.77
C SER A 362 -24.93 16.89 11.20
N GLN A 363 -23.68 16.48 11.39
CA GLN A 363 -22.51 17.22 10.91
C GLN A 363 -21.83 16.56 9.71
N TYR A 364 -22.29 15.40 9.24
CA TYR A 364 -21.57 14.74 8.17
C TYR A 364 -21.39 15.65 6.96
N SER A 365 -22.47 16.31 6.51
N SER A 365 -22.47 16.30 6.52
CA SER A 365 -22.35 17.07 5.27
CA SER A 365 -22.39 17.09 5.30
C SER A 365 -21.39 18.24 5.42
C SER A 365 -21.38 18.22 5.43
N THR A 366 -21.44 18.95 6.56
CA THR A 366 -20.51 20.04 6.83
C THR A 366 -19.07 19.58 6.88
N LYS A 367 -18.82 18.48 7.58
CA LYS A 367 -17.45 18.00 7.70
C LYS A 367 -16.91 17.52 6.35
N LEU A 368 -17.76 16.87 5.53
CA LEU A 368 -17.31 16.43 4.21
C LEU A 368 -17.02 17.62 3.30
N ASP A 369 -17.83 18.68 3.39
N ASP A 369 -17.85 18.67 3.37
CA ASP A 369 -17.56 19.87 2.59
CA ASP A 369 -17.60 19.90 2.60
C ASP A 369 -16.23 20.51 2.96
C ASP A 369 -16.23 20.49 2.96
N THR A 370 -15.96 20.61 4.26
CA THR A 370 -14.68 21.18 4.71
C THR A 370 -13.52 20.31 4.26
N PHE A 371 -13.66 18.99 4.39
CA PHE A 371 -12.63 18.07 3.94
C PHE A 371 -12.28 18.29 2.47
N VAL A 372 -13.29 18.35 1.62
CA VAL A 372 -13.01 18.53 0.19
C VAL A 372 -12.30 19.86 -0.05
N LYS A 373 -12.72 20.92 0.62
CA LYS A 373 -12.02 22.19 0.44
C LYS A 373 -10.56 22.07 0.86
N ASN A 374 -10.31 21.40 1.99
CA ASN A 374 -8.96 21.30 2.54
C ASN A 374 -8.02 20.57 1.61
N ILE A 375 -8.49 19.51 0.94
CA ILE A 375 -7.61 18.62 0.18
C ILE A 375 -7.51 18.99 -1.30
N SER A 376 -8.22 20.04 -1.74
CA SER A 376 -8.38 20.36 -3.16
C SER A 376 -7.69 21.66 -3.55
N LYS A 377 -6.71 22.12 -2.77
CA LYS A 377 -6.06 23.40 -3.05
C LYS A 377 -4.98 23.20 -4.09
C1 GLC B . 8.03 0.18 11.65
C2 GLC B . 8.89 0.12 10.40
C3 GLC B . 8.04 -0.07 9.14
C4 GLC B . 7.05 -1.24 9.28
C5 GLC B . 6.23 -1.06 10.56
C6 GLC B . 5.41 -2.28 10.92
O2 GLC B . 9.63 1.31 10.30
O3 GLC B . 8.90 -0.26 8.01
O4 GLC B . 6.26 -1.14 8.06
O5 GLC B . 7.13 -0.89 11.69
O6 GLC B . 4.84 -2.01 12.17
C1 GLC B . 5.47 -2.27 7.74
C2 GLC B . 5.50 -2.57 6.24
C3 GLC B . 4.85 -1.46 5.42
C4 GLC B . 3.47 -1.20 5.97
C5 GLC B . 3.56 -0.87 7.45
C6 GLC B . 2.19 -0.57 8.09
O2 GLC B . 6.84 -2.81 5.80
O3 GLC B . 4.78 -1.89 4.06
O4 GLC B . 2.92 -0.09 5.23
O5 GLC B . 4.13 -2.00 8.13
O6 GLC B . 1.30 -1.68 7.87
C1 GLC B . 1.63 -0.34 4.62
C2 GLC B . 1.69 0.12 3.18
C3 GLC B . 1.73 1.65 3.11
C4 GLC B . 0.63 2.26 3.94
C5 GLC B . 0.66 1.72 5.36
C6 GLC B . -0.56 2.25 6.13
O2 GLC B . 2.84 -0.43 2.57
O3 GLC B . 1.55 2.03 1.74
O4 GLC B . 0.87 3.68 3.98
O5 GLC B . 0.59 0.30 5.34
O6 GLC B . -0.48 1.87 7.54
C1 GLC B . -0.07 4.51 3.27
C2 GLC B . 0.70 5.49 2.43
C3 GLC B . 1.44 6.51 3.26
C4 GLC B . 0.45 7.18 4.17
C5 GLC B . -0.23 6.11 5.04
C6 GLC B . -1.29 6.73 5.93
O2 GLC B . 1.57 4.77 1.56
O3 GLC B . 2.16 7.44 2.44
O4 GLC B . 1.22 8.10 4.98
O5 GLC B . -0.90 5.18 4.19
O6 GLC B . -1.66 5.83 6.96
C1 GLC B . 0.85 9.45 4.75
C2 GLC B . 2.09 10.37 4.56
C3 GLC B . 2.82 10.47 5.90
C4 GLC B . 1.90 10.85 7.02
C5 GLC B . 0.70 9.93 7.08
C6 GLC B . -0.35 10.35 8.10
O2 GLC B . 2.93 9.90 3.53
O3 GLC B . 3.85 11.46 5.70
O4 GLC B . 2.69 10.71 8.27
O5 GLC B . 0.02 9.94 5.83
O6 GLC B . -0.80 11.68 7.80
C1 GLC B . 2.45 11.69 9.28
C2 GLC B . 3.75 11.99 9.98
C3 GLC B . 4.28 10.76 10.73
C4 GLC B . 3.23 10.26 11.62
C5 GLC B . 1.95 9.98 10.90
C6 GLC B . 0.82 9.56 11.82
O2 GLC B . 4.66 12.58 9.05
O3 GLC B . 5.52 11.07 11.42
O4 GLC B . 3.72 8.97 12.17
O5 GLC B . 1.49 11.17 10.25
O6 GLC B . 0.73 10.51 12.89
C1 GLC B . 3.51 8.81 13.56
C2 GLC B . 4.85 8.85 14.29
C3 GLC B . 5.71 7.66 13.85
C4 GLC B . 4.96 6.38 14.04
C5 GLC B . 3.63 6.43 13.31
C6 GLC B . 2.82 5.19 13.52
O2 GLC B . 5.54 10.06 14.03
O3 GLC B . 6.93 7.67 14.57
O4 GLC B . 5.72 5.34 13.39
O5 GLC B . 2.87 7.55 13.75
O6 GLC B . 2.45 5.13 14.86
C1 GLC B . 6.45 4.40 14.12
C2 GLC B . 7.93 4.35 13.89
C3 GLC B . 7.99 3.45 12.60
C4 GLC B . 7.24 2.18 12.85
C5 GLC B . 5.82 2.41 13.32
C6 GLC B . 5.06 1.15 13.61
O2 GLC B . 8.37 5.63 13.59
O3 GLC B . 9.32 3.19 12.24
O4 GLC B . 7.26 1.40 11.59
O5 GLC B . 5.83 3.25 14.50
O6 GLC B . 3.71 1.50 13.95
#